data_6I2H
#
_entry.id   6I2H
#
_cell.length_a   58.470
_cell.length_b   71.698
_cell.length_c   109.612
_cell.angle_alpha   90.00
_cell.angle_beta   90.00
_cell.angle_gamma   90.00
#
_symmetry.space_group_name_H-M   'P 21 21 21'
#
loop_
_entity.id
_entity.type
_entity.pdbx_description
1 polymer 'cAMP-dependent protein kinase catalytic subunit alpha'
2 polymer 'UPF0418 protein FAM164A'
3 non-polymer '[2-[[2-(isoquinolin-5-ylsulfonylamino)ethylamino]methyl]phenyl]boronic acid'
4 non-polymer beta-D-ribopyranose
5 non-polymer 'CHLORIDE ION'
6 water water
#
loop_
_entity_poly.entity_id
_entity_poly.type
_entity_poly.pdbx_seq_one_letter_code
_entity_poly.pdbx_strand_id
1 'polypeptide(L)'
;GHMGNAAAAKKG(SEP)EQESVKEFLAKAKEEFLKKWESPSQNTAQLDHFDRIKTLGTGSFGRVMLVKHKETGNHYAMKI
LDKQKVVKLKQIEHTLNEKRILQAVNFPFLVKLEFSFKDNSNLYMVMEYVPGGEMFSHLRRIGRF(SEP)EPHARFYAAQ
IVLTFEYLHSLDLIYRDLKPENLLIDQQGYIQVTDFGFAKRVKGRTW(TPO)LCGTPEYLAPEIILSKGYNKAVDWWALG
VLIYEMAAGYPPFFADQPIQIYEKIVSGKVRFPSHFSSDLKDLLRNLLQVDLTKRFGNLKNGVNDIKNHKWFATTDWIAI
YQRKVEAPFIPKFKGPGDTSNFDDYEEEEIRV(SEP)INEKCGKEFTEF
;
A
2 'polypeptide(L)' TTYADFIASGRTSRRDAI D
#
# COMPACT_ATOMS: atom_id res chain seq x y z
N GLY A 1 -37.55 0.66 5.96
CA GLY A 1 -36.19 0.25 5.48
C GLY A 1 -35.12 0.73 6.43
N HIS A 2 -33.84 0.57 6.07
CA HIS A 2 -32.81 0.96 7.02
C HIS A 2 -32.64 2.47 7.12
N MET A 3 -33.06 3.23 6.12
CA MET A 3 -32.86 4.67 6.11
C MET A 3 -34.17 5.41 5.92
N GLY A 4 -34.35 6.46 6.72
CA GLY A 4 -35.41 7.41 6.48
C GLY A 4 -35.05 8.32 5.31
N ASN A 5 -36.00 9.19 4.96
CA ASN A 5 -35.88 9.95 3.72
C ASN A 5 -34.61 10.82 3.73
N ALA A 6 -34.31 11.46 4.85
CA ALA A 6 -33.19 12.40 4.89
C ALA A 6 -31.86 11.66 4.78
N ALA A 7 -31.75 10.55 5.50
CA ALA A 7 -30.51 9.76 5.47
C ALA A 7 -30.31 9.14 4.10
N ALA A 8 -31.40 8.65 3.49
CA ALA A 8 -31.28 8.07 2.16
C ALA A 8 -30.85 9.11 1.14
N ALA A 9 -31.42 10.31 1.19
CA ALA A 9 -31.04 11.32 0.21
C ALA A 9 -29.60 11.76 0.42
N LYS A 10 -29.17 11.88 1.66
CA LYS A 10 -27.81 12.28 1.97
C LYS A 10 -26.80 11.26 1.44
N LYS A 11 -27.07 9.96 1.66
CA LYS A 11 -26.15 8.93 1.21
C LYS A 11 -26.12 8.87 -0.30
N GLY A 12 -27.28 9.00 -0.94
CA GLY A 12 -27.33 9.02 -2.39
C GLY A 12 -26.51 10.16 -2.97
N GLU A 14 -24.04 11.73 -1.52
CA GLU A 14 -22.63 11.51 -1.26
C GLU A 14 -22.06 10.55 -2.30
N GLN A 15 -22.82 9.50 -2.62
CA GLN A 15 -22.31 8.53 -3.59
C GLN A 15 -22.21 9.13 -4.98
N GLU A 16 -23.14 9.97 -5.37
CA GLU A 16 -23.01 10.66 -6.66
C GLU A 16 -21.84 11.65 -6.68
N SER A 17 -21.52 12.27 -5.55
CA SER A 17 -20.37 13.15 -5.50
C SER A 17 -19.06 12.40 -5.64
N VAL A 18 -18.97 11.18 -5.09
CA VAL A 18 -17.79 10.37 -5.33
C VAL A 18 -17.61 10.13 -6.83
N LYS A 19 -18.69 9.76 -7.52
CA LYS A 19 -18.61 9.53 -8.97
C LYS A 19 -18.06 10.76 -9.68
N GLU A 20 -18.58 11.92 -9.36
CA GLU A 20 -18.12 13.17 -9.94
C GLU A 20 -16.64 13.41 -9.68
N PHE A 21 -16.18 13.14 -8.46
CA PHE A 21 -14.78 13.31 -8.12
C PHE A 21 -13.91 12.36 -8.91
N LEU A 22 -14.34 11.10 -9.00
CA LEU A 22 -13.52 10.10 -9.68
C LEU A 22 -13.42 10.37 -11.17
N ALA A 23 -14.47 10.94 -11.76
CA ALA A 23 -14.42 11.30 -13.18
C ALA A 23 -13.34 12.34 -13.44
N LYS A 24 -13.29 13.39 -12.61
CA LYS A 24 -12.25 14.41 -12.76
C LYS A 24 -10.87 13.82 -12.47
N ALA A 25 -10.76 12.98 -11.44
CA ALA A 25 -9.47 12.40 -11.08
C ALA A 25 -8.93 11.55 -12.22
N LYS A 26 -9.81 10.84 -12.92
CA LYS A 26 -9.35 9.98 -13.99
C LYS A 26 -8.85 10.82 -15.16
N GLU A 27 -9.56 11.90 -15.48
CA GLU A 27 -9.09 12.81 -16.52
C GLU A 27 -7.69 13.33 -16.19
N GLU A 28 -7.44 13.73 -14.94
CA GLU A 28 -6.14 14.26 -14.56
C GLU A 28 -5.06 13.18 -14.62
N PHE A 29 -5.34 11.99 -14.07
CA PHE A 29 -4.41 10.87 -14.17
C PHE A 29 -4.01 10.58 -15.62
N LEU A 30 -4.99 10.44 -16.50
CA LEU A 30 -4.68 9.99 -17.84
C LEU A 30 -3.79 10.99 -18.58
N LYS A 31 -3.96 12.29 -18.32
CA LYS A 31 -3.09 13.28 -18.95
C LYS A 31 -1.62 13.00 -18.61
N LYS A 32 -1.35 12.72 -17.33
CA LYS A 32 0.02 12.47 -16.89
C LYS A 32 0.48 11.07 -17.26
N TRP A 33 -0.46 10.11 -17.29
CA TRP A 33 -0.14 8.75 -17.70
C TRP A 33 0.41 8.74 -19.12
N GLU A 34 -0.21 9.51 -20.02
CA GLU A 34 0.22 9.57 -21.42
C GLU A 34 1.44 10.44 -21.63
N SER A 35 1.72 11.40 -20.75
CA SER A 35 2.86 12.31 -20.91
C SER A 35 3.65 12.39 -19.61
N PRO A 36 4.39 11.33 -19.26
CA PRO A 36 5.08 11.31 -17.95
C PRO A 36 6.19 12.35 -17.83
N SER A 37 6.47 12.75 -16.58
CA SER A 37 7.59 13.62 -16.28
C SER A 37 8.89 12.82 -16.26
N GLN A 38 10.00 13.52 -16.49
CA GLN A 38 11.29 12.88 -16.63
C GLN A 38 12.39 13.84 -16.21
N ASN A 39 13.42 13.31 -15.54
CA ASN A 39 14.72 13.99 -15.39
C ASN A 39 14.57 15.37 -14.76
N THR A 40 14.01 15.40 -13.55
CA THR A 40 13.66 16.63 -12.86
C THR A 40 14.69 17.02 -11.80
N ALA A 41 15.83 16.36 -11.74
CA ALA A 41 16.88 16.68 -10.77
C ALA A 41 18.10 15.82 -11.05
N GLN A 42 19.14 15.91 -10.23
CA GLN A 42 20.34 15.10 -10.41
C GLN A 42 20.94 14.77 -9.06
N LEU A 43 21.89 13.83 -9.05
CA LEU A 43 22.30 13.22 -7.79
C LEU A 43 23.08 14.19 -6.91
N ASP A 44 23.94 15.01 -7.51
CA ASP A 44 24.70 15.89 -6.64
C ASP A 44 23.86 17.03 -6.09
N HIS A 45 22.55 17.06 -6.30
CA HIS A 45 21.69 18.02 -5.63
C HIS A 45 21.35 17.61 -4.20
N PHE A 46 21.82 16.44 -3.75
CA PHE A 46 21.37 15.86 -2.49
C PHE A 46 22.55 15.34 -1.68
N ASP A 47 22.46 15.46 -0.36
CA ASP A 47 23.34 14.76 0.56
C ASP A 47 22.68 13.47 0.99
N ARG A 48 23.45 12.38 1.00
CA ARG A 48 22.97 11.07 1.46
C ARG A 48 23.16 10.96 2.97
N ILE A 49 22.07 10.68 3.68
CA ILE A 49 22.07 10.72 5.15
C ILE A 49 22.11 9.32 5.76
N LYS A 50 21.14 8.47 5.42
CA LYS A 50 20.95 7.20 6.12
C LYS A 50 20.01 6.29 5.33
N THR A 51 20.24 4.98 5.41
CA THR A 51 19.35 4.02 4.76
C THR A 51 18.10 3.78 5.60
N LEU A 52 16.94 3.95 4.97
CA LEU A 52 15.64 3.79 5.62
C LEU A 52 15.02 2.42 5.42
N GLY A 53 15.44 1.70 4.40
CA GLY A 53 14.87 0.40 4.03
C GLY A 53 15.61 -0.14 2.83
N THR A 54 15.47 -1.46 2.62
CA THR A 54 16.27 -2.13 1.59
C THR A 54 15.46 -3.22 0.90
N GLY A 55 15.89 -3.53 -0.33
CA GLY A 55 15.35 -4.62 -1.13
C GLY A 55 16.47 -5.31 -1.90
N SER A 56 16.13 -6.20 -2.85
CA SER A 56 17.14 -6.99 -3.54
C SER A 56 17.76 -6.27 -4.74
N PHE A 57 17.07 -5.30 -5.34
CA PHE A 57 17.66 -4.53 -6.43
C PHE A 57 17.87 -3.05 -6.11
N GLY A 58 17.59 -2.62 -4.89
CA GLY A 58 17.88 -1.26 -4.51
C GLY A 58 17.81 -1.02 -3.03
N ARG A 59 17.71 0.25 -2.67
CA ARG A 59 17.55 0.66 -1.28
C ARG A 59 16.91 2.04 -1.28
N VAL A 60 16.36 2.43 -0.12
CA VAL A 60 15.80 3.75 0.06
C VAL A 60 16.61 4.48 1.10
N MET A 61 17.05 5.68 0.77
CA MET A 61 17.90 6.48 1.64
C MET A 61 17.24 7.81 1.96
N LEU A 62 17.34 8.21 3.23
CA LEU A 62 17.04 9.58 3.58
C LEU A 62 18.10 10.48 2.97
N VAL A 63 17.67 11.52 2.25
CA VAL A 63 18.57 12.49 1.66
C VAL A 63 18.08 13.89 1.99
N LYS A 64 18.97 14.87 1.79
CA LYS A 64 18.66 16.28 2.00
C LYS A 64 18.99 17.06 0.74
N HIS A 65 18.01 17.78 0.22
CA HIS A 65 18.20 18.68 -0.92
C HIS A 65 19.15 19.81 -0.52
N LYS A 66 20.28 19.92 -1.23
CA LYS A 66 21.33 20.85 -0.82
C LYS A 66 20.84 22.30 -0.85
N GLU A 67 20.09 22.67 -1.90
CA GLU A 67 19.75 24.08 -2.09
C GLU A 67 18.71 24.55 -1.07
N THR A 68 17.74 23.70 -0.72
CA THR A 68 16.66 24.09 0.16
C THR A 68 16.71 23.44 1.54
N GLY A 69 17.49 22.38 1.72
CA GLY A 69 17.53 21.70 3.00
C GLY A 69 16.37 20.77 3.26
N ASN A 70 15.45 20.60 2.30
CA ASN A 70 14.34 19.70 2.51
C ASN A 70 14.82 18.25 2.45
N HIS A 71 14.22 17.41 3.27
CA HIS A 71 14.52 15.99 3.30
C HIS A 71 13.56 15.21 2.43
N TYR A 72 14.08 14.13 1.84
CA TYR A 72 13.34 13.26 0.95
C TYR A 72 13.77 11.82 1.21
N ALA A 73 12.96 10.90 0.71
CA ALA A 73 13.31 9.48 0.69
C ALA A 73 13.63 9.12 -0.76
N MET A 74 14.90 8.77 -1.03
CA MET A 74 15.38 8.48 -2.38
C MET A 74 15.54 6.98 -2.54
N LYS A 75 14.72 6.40 -3.41
CA LYS A 75 14.88 5.00 -3.80
C LYS A 75 15.92 4.91 -4.90
N ILE A 76 16.95 4.08 -4.67
CA ILE A 76 18.05 3.86 -5.60
C ILE A 76 17.94 2.45 -6.14
N LEU A 77 17.79 2.31 -7.45
CA LEU A 77 17.66 1.00 -8.08
C LEU A 77 18.87 0.76 -8.97
N ASP A 78 19.52 -0.37 -8.76
CA ASP A 78 20.67 -0.76 -9.55
C ASP A 78 20.17 -1.36 -10.86
N LYS A 79 20.45 -0.68 -11.97
CA LYS A 79 19.89 -1.09 -13.26
C LYS A 79 20.27 -2.52 -13.61
N GLN A 80 21.54 -2.89 -13.40
CA GLN A 80 21.95 -4.25 -13.73
C GLN A 80 21.22 -5.27 -12.88
N LYS A 81 21.02 -4.98 -11.59
CA LYS A 81 20.28 -5.90 -10.74
C LYS A 81 18.81 -5.97 -11.16
N VAL A 82 18.25 -4.85 -11.60
CA VAL A 82 16.86 -4.85 -12.03
C VAL A 82 16.69 -5.72 -13.26
N VAL A 83 17.61 -5.62 -14.20
CA VAL A 83 17.58 -6.48 -15.37
C VAL A 83 17.71 -7.94 -14.96
N LYS A 84 18.66 -8.24 -14.07
CA LYS A 84 18.91 -9.62 -13.67
C LYS A 84 17.69 -10.25 -13.02
N LEU A 85 16.93 -9.48 -12.24
CA LEU A 85 15.76 -10.00 -11.57
C LEU A 85 14.49 -9.90 -12.41
N LYS A 86 14.62 -9.54 -13.69
CA LYS A 86 13.48 -9.41 -14.60
C LYS A 86 12.46 -8.40 -14.06
N GLN A 87 12.96 -7.27 -13.54
CA GLN A 87 12.14 -6.23 -12.92
C GLN A 87 12.10 -4.94 -13.74
N ILE A 88 12.52 -4.98 -15.00
CA ILE A 88 12.54 -3.77 -15.82
C ILE A 88 11.15 -3.15 -15.93
N GLU A 89 10.16 -3.96 -16.34
CA GLU A 89 8.83 -3.44 -16.60
C GLU A 89 8.19 -2.98 -15.28
N HIS A 90 8.43 -3.72 -14.21
CA HIS A 90 7.90 -3.32 -12.90
C HIS A 90 8.44 -1.96 -12.46
N THR A 91 9.75 -1.72 -12.65
CA THR A 91 10.32 -0.48 -12.17
C THR A 91 9.89 0.70 -13.04
N LEU A 92 9.82 0.51 -14.36
CA LEU A 92 9.31 1.59 -15.22
C LEU A 92 7.85 1.88 -14.91
N ASN A 93 7.06 0.84 -14.70
CA ASN A 93 5.64 1.02 -14.42
C ASN A 93 5.43 1.69 -13.07
N GLU A 94 6.24 1.34 -12.06
CA GLU A 94 6.11 2.00 -10.75
C GLU A 94 6.30 3.51 -10.87
N LYS A 95 7.34 3.95 -11.58
CA LYS A 95 7.59 5.37 -11.69
C LYS A 95 6.50 6.04 -12.52
N ARG A 96 6.03 5.36 -13.55
CA ARG A 96 4.98 5.92 -14.39
C ARG A 96 3.70 6.14 -13.59
N ILE A 97 3.36 5.17 -12.74
CA ILE A 97 2.19 5.31 -11.88
C ILE A 97 2.40 6.45 -10.90
N LEU A 98 3.55 6.47 -10.22
CA LEU A 98 3.75 7.44 -9.16
C LEU A 98 3.70 8.87 -9.69
N GLN A 99 4.23 9.12 -10.88
CA GLN A 99 4.20 10.48 -11.38
C GLN A 99 2.82 10.88 -11.92
N ALA A 100 1.91 9.92 -12.10
CA ALA A 100 0.60 10.19 -12.66
C ALA A 100 -0.52 10.28 -11.62
N VAL A 101 -0.38 9.63 -10.47
CA VAL A 101 -1.45 9.61 -9.49
C VAL A 101 -1.36 10.81 -8.57
N ASN A 102 -2.47 11.07 -7.86
CA ASN A 102 -2.53 12.19 -6.94
C ASN A 102 -3.65 11.88 -5.94
N PHE A 103 -3.28 11.63 -4.69
CA PHE A 103 -4.26 11.31 -3.66
C PHE A 103 -3.60 11.50 -2.31
N PRO A 104 -4.32 11.93 -1.28
CA PRO A 104 -3.62 12.33 -0.04
C PRO A 104 -2.93 11.21 0.69
N PHE A 105 -3.23 9.95 0.38
CA PHE A 105 -2.64 8.80 1.05
C PHE A 105 -1.69 8.03 0.13
N LEU A 106 -1.33 8.60 -1.00
CA LEU A 106 -0.33 8.04 -1.90
C LEU A 106 0.93 8.89 -1.83
N VAL A 107 2.07 8.24 -1.59
CA VAL A 107 3.32 9.00 -1.46
C VAL A 107 3.58 9.73 -2.76
N LYS A 108 4.15 10.92 -2.64
CA LYS A 108 4.36 11.77 -3.79
C LYS A 108 5.81 11.70 -4.28
N LEU A 109 5.94 11.55 -5.59
CA LEU A 109 7.24 11.53 -6.24
C LEU A 109 7.60 12.97 -6.57
N GLU A 110 8.67 13.45 -5.96
CA GLU A 110 9.06 14.84 -6.10
C GLU A 110 10.07 15.05 -7.21
N PHE A 111 10.97 14.08 -7.42
CA PHE A 111 11.95 14.15 -8.50
C PHE A 111 12.25 12.74 -8.97
N SER A 112 12.70 12.62 -10.22
CA SER A 112 13.25 11.36 -10.68
C SER A 112 14.31 11.64 -11.72
N PHE A 113 15.29 10.74 -11.79
CA PHE A 113 16.42 10.88 -12.71
C PHE A 113 17.18 9.56 -12.72
N LYS A 114 18.16 9.46 -13.63
CA LYS A 114 18.99 8.27 -13.72
C LYS A 114 20.41 8.68 -14.06
N ASP A 115 21.34 7.76 -13.84
CA ASP A 115 22.74 7.96 -14.25
C ASP A 115 23.24 6.65 -14.84
N ASN A 116 24.57 6.51 -14.97
CA ASN A 116 25.09 5.36 -15.69
C ASN A 116 24.74 4.04 -15.02
N SER A 117 24.62 4.03 -13.69
CA SER A 117 24.41 2.80 -12.93
C SER A 117 23.01 2.62 -12.36
N ASN A 118 22.34 3.71 -11.97
CA ASN A 118 21.14 3.59 -11.15
C ASN A 118 19.98 4.41 -11.69
N LEU A 119 18.80 4.02 -11.22
CA LEU A 119 17.60 4.84 -11.32
C LEU A 119 17.34 5.45 -9.96
N TYR A 120 16.77 6.66 -9.95
CA TYR A 120 16.47 7.36 -8.71
C TYR A 120 15.04 7.87 -8.69
N MET A 121 14.30 7.52 -7.64
CA MET A 121 12.99 8.08 -7.37
C MET A 121 13.05 8.77 -6.02
N VAL A 122 12.92 10.09 -6.04
CA VAL A 122 13.00 10.91 -4.85
C VAL A 122 11.58 11.22 -4.41
N MET A 123 11.17 10.62 -3.29
CA MET A 123 9.81 10.74 -2.80
C MET A 123 9.80 11.56 -1.52
N GLU A 124 8.60 11.99 -1.12
CA GLU A 124 8.47 12.63 0.18
C GLU A 124 8.96 11.68 1.26
N TYR A 125 9.63 12.25 2.26
CA TYR A 125 10.02 11.49 3.45
C TYR A 125 8.83 11.42 4.39
N VAL A 126 8.42 10.20 4.75
CA VAL A 126 7.32 9.96 5.66
C VAL A 126 7.93 9.52 6.98
N PRO A 127 8.02 10.39 7.99
CA PRO A 127 8.95 10.11 9.10
C PRO A 127 8.42 9.27 10.24
N GLY A 128 7.14 8.91 10.24
CA GLY A 128 6.59 8.12 11.33
C GLY A 128 6.91 6.65 11.29
N GLY A 129 7.56 6.18 10.22
CA GLY A 129 7.89 4.78 10.08
C GLY A 129 6.75 3.94 9.53
N GLU A 130 7.00 2.63 9.44
CA GLU A 130 6.06 1.69 8.85
C GLU A 130 4.96 1.36 9.83
N MET A 131 3.75 1.14 9.32
CA MET A 131 2.69 0.58 10.15
C MET A 131 3.16 -0.73 10.80
N PHE A 132 3.92 -1.52 10.05
CA PHE A 132 4.46 -2.78 10.55
C PHE A 132 5.16 -2.58 11.89
N SER A 133 6.04 -1.57 11.97
CA SER A 133 6.78 -1.30 13.21
C SER A 133 5.82 -1.00 14.36
N HIS A 134 4.87 -0.11 14.12
CA HIS A 134 3.99 0.29 15.21
C HIS A 134 3.09 -0.87 15.63
N LEU A 135 2.58 -1.63 14.65
CA LEU A 135 1.74 -2.79 14.98
C LEU A 135 2.51 -3.82 15.81
N ARG A 136 3.72 -4.14 15.40
CA ARG A 136 4.47 -5.12 16.18
C ARG A 136 4.89 -4.56 17.54
N ARG A 137 5.02 -3.24 17.66
CA ARG A 137 5.42 -2.63 18.92
C ARG A 137 4.29 -2.67 19.96
N ILE A 138 3.05 -2.41 19.50
CA ILE A 138 1.87 -2.31 20.36
C ILE A 138 1.07 -3.59 20.43
N GLY A 139 1.34 -4.57 19.56
CA GLY A 139 0.65 -5.84 19.53
C GLY A 139 -0.50 -5.83 18.55
N ARG A 140 -1.54 -5.09 18.90
CA ARG A 140 -2.71 -4.97 18.04
C ARG A 140 -3.30 -3.58 18.23
N PHE A 141 -4.06 -3.13 17.22
CA PHE A 141 -4.75 -1.85 17.26
C PHE A 141 -6.17 -2.07 17.73
N GLU A 143 -10.17 -1.47 17.71
CA GLU A 143 -10.97 -1.39 16.47
C GLU A 143 -11.14 0.04 15.92
N PRO A 144 -11.32 1.07 16.76
CA PRO A 144 -11.35 2.43 16.18
C PRO A 144 -10.05 2.85 15.52
N HIS A 145 -8.92 2.45 16.10
CA HIS A 145 -7.60 2.72 15.54
C HIS A 145 -7.44 2.01 14.20
N ALA A 146 -7.79 0.73 14.17
CA ALA A 146 -7.70 -0.03 12.93
C ALA A 146 -8.63 0.57 11.87
N ARG A 147 -9.81 1.03 12.31
CA ARG A 147 -10.81 1.54 11.39
C ARG A 147 -10.33 2.83 10.73
N PHE A 148 -9.65 3.67 11.51
CA PHE A 148 -9.08 4.92 10.98
C PHE A 148 -8.13 4.62 9.81
N TYR A 149 -7.23 3.65 9.99
CA TYR A 149 -6.32 3.27 8.91
C TYR A 149 -7.08 2.60 7.77
N ALA A 150 -8.00 1.69 8.11
CA ALA A 150 -8.74 0.97 7.08
C ALA A 150 -9.51 1.93 6.17
N ALA A 151 -10.10 2.98 6.74
CA ALA A 151 -10.86 3.91 5.94
C ALA A 151 -9.97 4.58 4.88
N GLN A 152 -8.71 4.87 5.24
CA GLN A 152 -7.81 5.49 4.26
C GLN A 152 -7.52 4.53 3.12
N ILE A 153 -7.35 3.24 3.45
CA ILE A 153 -7.09 2.26 2.40
C ILE A 153 -8.31 2.10 1.52
N VAL A 154 -9.52 2.09 2.12
CA VAL A 154 -10.73 1.98 1.32
C VAL A 154 -10.81 3.13 0.31
N LEU A 155 -10.58 4.36 0.77
CA LEU A 155 -10.62 5.50 -0.15
C LEU A 155 -9.54 5.38 -1.20
N THR A 156 -8.35 4.95 -0.80
CA THR A 156 -7.22 4.87 -1.73
C THR A 156 -7.48 3.83 -2.81
N PHE A 157 -8.01 2.67 -2.43
CA PHE A 157 -8.37 1.66 -3.43
C PHE A 157 -9.54 2.12 -4.30
N GLU A 158 -10.53 2.80 -3.73
CA GLU A 158 -11.60 3.36 -4.53
C GLU A 158 -11.04 4.27 -5.62
N TYR A 159 -10.03 5.07 -5.27
CA TYR A 159 -9.39 5.94 -6.24
C TYR A 159 -8.58 5.13 -7.25
N LEU A 160 -7.72 4.24 -6.77
CA LEU A 160 -6.88 3.48 -7.70
C LEU A 160 -7.73 2.66 -8.67
N HIS A 161 -8.77 1.99 -8.15
CA HIS A 161 -9.57 1.13 -9.00
C HIS A 161 -10.32 1.92 -10.05
N SER A 162 -10.65 3.18 -9.75
CA SER A 162 -11.33 3.98 -10.77
C SER A 162 -10.41 4.25 -11.94
N LEU A 163 -9.11 4.23 -11.71
CA LEU A 163 -8.09 4.39 -12.75
C LEU A 163 -7.71 3.07 -13.41
N ASP A 164 -8.41 1.99 -13.09
CA ASP A 164 -8.11 0.64 -13.57
C ASP A 164 -6.79 0.12 -13.03
N LEU A 165 -6.30 0.66 -11.92
CA LEU A 165 -5.10 0.15 -11.30
C LEU A 165 -5.46 -0.86 -10.22
N ILE A 166 -4.81 -2.03 -10.26
CA ILE A 166 -4.88 -3.01 -9.18
C ILE A 166 -3.57 -2.91 -8.42
N TYR A 167 -3.65 -2.84 -7.08
CA TYR A 167 -2.48 -2.53 -6.27
C TYR A 167 -1.60 -3.75 -6.00
N ARG A 168 -2.17 -4.81 -5.42
CA ARG A 168 -1.57 -6.15 -5.32
C ARG A 168 -0.40 -6.27 -4.35
N ASP A 169 -0.11 -5.27 -3.51
CA ASP A 169 0.87 -5.54 -2.46
C ASP A 169 0.53 -4.84 -1.15
N LEU A 170 -0.73 -4.88 -0.76
CA LEU A 170 -1.09 -4.33 0.53
C LEU A 170 -0.53 -5.16 1.66
N LYS A 171 0.05 -4.49 2.65
CA LYS A 171 0.55 -5.10 3.90
C LYS A 171 1.10 -4.00 4.78
N PRO A 172 1.23 -4.24 6.09
CA PRO A 172 1.67 -3.16 6.98
C PRO A 172 3.05 -2.66 6.65
N GLU A 173 3.91 -3.53 6.10
CA GLU A 173 5.26 -3.17 5.69
C GLU A 173 5.30 -2.07 4.63
N ASN A 174 4.21 -1.93 3.85
CA ASN A 174 4.13 -0.99 2.74
C ASN A 174 3.33 0.25 3.07
N LEU A 175 2.97 0.45 4.33
CA LEU A 175 2.18 1.58 4.76
C LEU A 175 2.99 2.37 5.77
N LEU A 176 3.25 3.64 5.46
CA LEU A 176 4.01 4.54 6.31
C LEU A 176 3.08 5.51 7.02
N ILE A 177 3.50 5.96 8.20
CA ILE A 177 2.71 6.86 9.03
C ILE A 177 3.36 8.24 8.98
N ASP A 178 2.59 9.23 8.58
CA ASP A 178 3.16 10.57 8.44
C ASP A 178 3.07 11.35 9.76
N GLN A 179 3.56 12.59 9.72
CA GLN A 179 3.67 13.39 10.94
C GLN A 179 2.31 13.65 11.60
N GLN A 180 1.22 13.61 10.83
CA GLN A 180 -0.12 13.81 11.36
C GLN A 180 -0.82 12.49 11.71
N GLY A 181 -0.15 11.36 11.53
CA GLY A 181 -0.72 10.09 11.91
C GLY A 181 -1.52 9.43 10.81
N TYR A 182 -1.54 10.01 9.62
CA TYR A 182 -2.22 9.42 8.48
C TYR A 182 -1.29 8.49 7.71
N ILE A 183 -1.88 7.66 6.83
CA ILE A 183 -1.19 6.62 6.07
C ILE A 183 -0.70 7.14 4.74
N GLN A 184 0.46 6.63 4.35
CA GLN A 184 1.02 6.82 3.01
C GLN A 184 1.31 5.46 2.42
N VAL A 185 0.75 5.18 1.26
CA VAL A 185 1.08 3.97 0.49
C VAL A 185 2.26 4.28 -0.42
N THR A 186 3.29 3.39 -0.46
CA THR A 186 4.55 3.78 -1.12
C THR A 186 4.95 2.99 -2.36
N ASP A 187 4.72 1.69 -2.38
CA ASP A 187 5.43 0.73 -3.27
C ASP A 187 4.50 0.19 -4.35
N PHE A 188 4.66 0.67 -5.58
CA PHE A 188 3.81 0.26 -6.68
C PHE A 188 4.49 -0.73 -7.62
N GLY A 189 5.47 -1.47 -7.09
CA GLY A 189 6.23 -2.41 -7.92
C GLY A 189 5.45 -3.58 -8.47
N PHE A 190 4.27 -3.90 -7.93
CA PHE A 190 3.45 -4.96 -8.46
C PHE A 190 2.08 -4.50 -8.96
N ALA A 191 1.84 -3.21 -8.97
CA ALA A 191 0.58 -2.67 -9.46
C ALA A 191 0.50 -2.80 -10.97
N LYS A 192 -0.74 -2.91 -11.48
CA LYS A 192 -0.96 -3.05 -12.91
C LYS A 192 -2.21 -2.29 -13.32
N ARG A 193 -2.13 -1.65 -14.49
CA ARG A 193 -3.29 -1.01 -15.06
C ARG A 193 -3.96 -2.03 -15.98
N VAL A 194 -5.15 -2.48 -15.57
CA VAL A 194 -5.82 -3.66 -16.11
C VAL A 194 -7.32 -3.35 -16.16
N LYS A 195 -7.92 -3.46 -17.35
CA LYS A 195 -9.37 -3.28 -17.49
C LYS A 195 -9.98 -4.67 -17.68
N GLY A 196 -10.30 -5.31 -16.56
CA GLY A 196 -10.79 -6.66 -16.57
C GLY A 196 -9.89 -7.58 -15.77
N ARG A 197 -9.59 -8.75 -16.31
CA ARG A 197 -8.86 -9.77 -15.58
C ARG A 197 -7.39 -9.81 -15.97
N THR A 198 -6.60 -10.40 -15.06
CA THR A 198 -5.17 -10.60 -15.23
C THR A 198 -4.79 -11.87 -14.47
N TRP A 199 -3.56 -12.35 -14.68
CA TRP A 199 -3.19 -13.67 -14.19
C TRP A 199 -1.92 -13.74 -13.32
N LEU A 201 1.02 -14.33 -10.90
CA LEU A 201 1.28 -14.74 -9.52
C LEU A 201 2.25 -13.75 -8.89
N CYS A 202 1.74 -12.85 -8.04
CA CYS A 202 2.56 -11.84 -7.37
C CYS A 202 1.84 -11.39 -6.11
N GLY A 203 2.63 -10.80 -5.22
CA GLY A 203 2.14 -10.29 -3.94
C GLY A 203 2.90 -10.95 -2.82
N THR A 204 2.37 -10.88 -1.61
CA THR A 204 3.01 -11.42 -0.44
C THR A 204 2.13 -12.54 0.12
N PRO A 205 2.71 -13.68 0.51
CA PRO A 205 1.90 -14.90 0.75
C PRO A 205 0.67 -14.68 1.61
N GLU A 206 0.85 -14.08 2.80
CA GLU A 206 -0.28 -13.92 3.73
C GLU A 206 -1.41 -13.10 3.16
N TYR A 207 -1.15 -12.24 2.16
CA TYR A 207 -2.12 -11.31 1.62
C TYR A 207 -2.69 -11.73 0.26
N LEU A 208 -2.32 -12.90 -0.27
CA LEU A 208 -2.81 -13.33 -1.58
C LEU A 208 -4.25 -13.80 -1.48
N ALA A 209 -5.07 -13.32 -2.42
CA ALA A 209 -6.41 -13.87 -2.58
C ALA A 209 -6.36 -15.29 -3.13
N PRO A 210 -7.36 -16.12 -2.83
CA PRO A 210 -7.34 -17.50 -3.36
C PRO A 210 -7.19 -17.54 -4.85
N GLU A 211 -7.83 -16.62 -5.57
CA GLU A 211 -7.80 -16.66 -7.02
C GLU A 211 -6.47 -16.19 -7.59
N ILE A 212 -5.59 -15.58 -6.78
CA ILE A 212 -4.22 -15.37 -7.26
C ILE A 212 -3.43 -16.65 -7.17
N ILE A 213 -3.59 -17.37 -6.08
CA ILE A 213 -2.89 -18.63 -5.89
C ILE A 213 -3.27 -19.63 -6.96
N LEU A 214 -4.57 -19.80 -7.18
CA LEU A 214 -5.09 -20.71 -8.18
C LEU A 214 -4.89 -20.14 -9.59
N SER A 215 -4.84 -21.03 -10.59
CA SER A 215 -4.46 -20.62 -11.94
C SER A 215 -5.49 -19.73 -12.62
N LYS A 216 -6.73 -19.72 -12.16
CA LYS A 216 -7.75 -18.87 -12.72
C LYS A 216 -7.32 -17.40 -12.72
N GLY A 217 -7.84 -16.64 -13.66
CA GLY A 217 -7.60 -15.21 -13.67
C GLY A 217 -8.31 -14.51 -12.53
N TYR A 218 -7.98 -13.23 -12.35
CA TYR A 218 -8.50 -12.47 -11.23
C TYR A 218 -8.60 -11.01 -11.61
N ASN A 219 -9.33 -10.25 -10.77
CA ASN A 219 -9.54 -8.85 -11.06
C ASN A 219 -9.26 -8.01 -9.82
N LYS A 220 -9.70 -6.75 -9.85
CA LYS A 220 -9.42 -5.83 -8.74
C LYS A 220 -9.94 -6.31 -7.38
N ALA A 221 -10.85 -7.28 -7.32
CA ALA A 221 -11.35 -7.78 -6.05
C ALA A 221 -10.28 -8.46 -5.21
N VAL A 222 -9.11 -8.76 -5.81
CA VAL A 222 -8.04 -9.26 -4.96
C VAL A 222 -7.61 -8.21 -3.94
N ASP A 223 -7.74 -6.93 -4.28
CA ASP A 223 -7.37 -5.87 -3.34
C ASP A 223 -8.33 -5.80 -2.17
N TRP A 224 -9.60 -6.11 -2.40
CA TRP A 224 -10.55 -6.10 -1.29
C TRP A 224 -10.34 -7.29 -0.37
N TRP A 225 -9.95 -8.46 -0.90
CA TRP A 225 -9.48 -9.56 -0.06
C TRP A 225 -8.31 -9.10 0.80
N ALA A 226 -7.33 -8.45 0.17
CA ALA A 226 -6.16 -8.03 0.91
C ALA A 226 -6.51 -7.04 1.99
N LEU A 227 -7.50 -6.18 1.74
CA LEU A 227 -7.98 -5.27 2.79
C LEU A 227 -8.49 -6.07 3.96
N GLY A 228 -9.26 -7.13 3.69
CA GLY A 228 -9.70 -8.00 4.77
C GLY A 228 -8.54 -8.54 5.60
N VAL A 229 -7.47 -9.00 4.93
CA VAL A 229 -6.30 -9.51 5.64
C VAL A 229 -5.69 -8.41 6.48
N LEU A 230 -5.55 -7.20 5.92
CA LEU A 230 -4.97 -6.09 6.67
C LEU A 230 -5.77 -5.73 7.90
N ILE A 231 -7.08 -5.59 7.75
CA ILE A 231 -7.94 -5.23 8.89
C ILE A 231 -7.83 -6.31 9.96
N TYR A 232 -7.89 -7.58 9.56
CA TYR A 232 -7.72 -8.66 10.52
C TYR A 232 -6.38 -8.54 11.25
N GLU A 233 -5.29 -8.35 10.50
CA GLU A 233 -3.97 -8.31 11.14
C GLU A 233 -3.87 -7.11 12.08
N MET A 234 -4.39 -5.94 11.65
CA MET A 234 -4.36 -4.75 12.50
C MET A 234 -5.10 -5.00 13.81
N ALA A 235 -6.27 -5.63 13.74
CA ALA A 235 -7.09 -5.79 14.93
C ALA A 235 -6.71 -7.00 15.78
N ALA A 236 -6.10 -8.03 15.20
CA ALA A 236 -5.69 -9.23 15.94
C ALA A 236 -4.24 -9.19 16.40
N GLY A 237 -3.37 -8.55 15.64
CA GLY A 237 -1.94 -8.62 15.81
C GLY A 237 -1.25 -9.69 15.01
N TYR A 238 -2.00 -10.50 14.29
CA TYR A 238 -1.49 -11.55 13.44
C TYR A 238 -2.48 -11.71 12.29
N PRO A 239 -2.04 -12.24 11.15
CA PRO A 239 -2.92 -12.35 10.00
C PRO A 239 -3.81 -13.59 10.07
N PRO A 240 -4.87 -13.64 9.25
CA PRO A 240 -5.84 -14.75 9.33
C PRO A 240 -5.28 -16.09 8.87
N PHE A 241 -4.27 -16.08 8.01
CA PHE A 241 -3.68 -17.29 7.46
C PHE A 241 -2.15 -17.21 7.55
N PHE A 242 -1.55 -18.09 8.35
CA PHE A 242 -0.10 -18.13 8.45
C PHE A 242 0.32 -19.58 8.72
N ALA A 243 1.58 -19.83 8.46
CA ALA A 243 2.21 -21.14 8.63
C ALA A 243 3.71 -20.93 8.50
N ASP A 244 4.47 -22.02 8.70
CA ASP A 244 5.93 -21.94 8.60
C ASP A 244 6.38 -21.59 7.19
N GLN A 245 5.69 -22.11 6.17
CA GLN A 245 6.12 -22.00 4.80
C GLN A 245 4.99 -21.50 3.92
N PRO A 246 5.29 -20.71 2.88
CA PRO A 246 4.23 -20.17 2.02
C PRO A 246 3.31 -21.23 1.45
N ILE A 247 3.81 -22.40 1.04
CA ILE A 247 2.92 -23.37 0.44
C ILE A 247 1.82 -23.77 1.42
N GLN A 248 2.15 -23.83 2.71
CA GLN A 248 1.13 -24.17 3.70
C GLN A 248 0.18 -23.01 3.94
N ILE A 249 0.67 -21.78 3.81
CA ILE A 249 -0.22 -20.63 3.88
C ILE A 249 -1.23 -20.68 2.75
N TYR A 250 -0.77 -21.00 1.54
CA TYR A 250 -1.68 -21.04 0.39
C TYR A 250 -2.78 -22.07 0.59
N GLU A 251 -2.46 -23.23 1.19
CA GLU A 251 -3.49 -24.22 1.45
C GLU A 251 -4.57 -23.66 2.37
N LYS A 252 -4.18 -22.92 3.40
CA LYS A 252 -5.16 -22.36 4.33
C LYS A 252 -6.01 -21.29 3.64
N ILE A 253 -5.38 -20.45 2.81
CA ILE A 253 -6.13 -19.40 2.12
C ILE A 253 -7.20 -20.00 1.24
N VAL A 254 -6.87 -21.04 0.47
CA VAL A 254 -7.81 -21.56 -0.52
C VAL A 254 -8.94 -22.31 0.17
N SER A 255 -8.69 -22.90 1.34
CA SER A 255 -9.81 -23.36 2.16
C SER A 255 -10.66 -22.18 2.63
N GLY A 256 -9.99 -21.12 3.12
CA GLY A 256 -10.68 -19.92 3.56
C GLY A 256 -11.44 -20.06 4.86
N LYS A 257 -11.13 -21.07 5.67
CA LYS A 257 -11.82 -21.27 6.95
C LYS A 257 -11.24 -20.29 7.98
N VAL A 258 -11.76 -19.10 8.01
CA VAL A 258 -11.19 -18.09 8.89
C VAL A 258 -11.82 -18.21 10.27
N ARG A 259 -10.98 -18.05 11.29
CA ARG A 259 -11.38 -17.98 12.69
C ARG A 259 -10.92 -16.64 13.26
N PHE A 260 -11.64 -16.15 14.28
CA PHE A 260 -11.47 -14.82 14.80
C PHE A 260 -11.13 -14.83 16.29
N PRO A 261 -10.30 -13.89 16.74
CA PRO A 261 -10.11 -13.68 18.19
C PRO A 261 -11.43 -13.40 18.88
N SER A 262 -11.52 -13.82 20.14
CA SER A 262 -12.78 -13.62 20.84
C SER A 262 -13.07 -12.13 21.14
N HIS A 263 -12.07 -11.24 21.06
CA HIS A 263 -12.29 -9.81 21.28
C HIS A 263 -12.78 -9.06 20.04
N PHE A 264 -12.86 -9.71 18.89
CA PHE A 264 -13.40 -9.06 17.69
C PHE A 264 -14.89 -8.78 17.89
N SER A 265 -15.31 -7.58 17.54
CA SER A 265 -16.72 -7.30 17.57
C SER A 265 -17.46 -8.12 16.52
N SER A 266 -18.78 -8.26 16.72
CA SER A 266 -19.61 -8.91 15.71
C SER A 266 -19.62 -8.14 14.39
N ASP A 267 -19.66 -6.81 14.45
CA ASP A 267 -19.58 -6.02 13.21
C ASP A 267 -18.29 -6.31 12.44
N LEU A 268 -17.17 -6.32 13.15
CA LEU A 268 -15.88 -6.61 12.50
C LEU A 268 -15.87 -8.02 11.87
N LYS A 269 -16.37 -9.02 12.60
CA LYS A 269 -16.40 -10.37 12.03
C LYS A 269 -17.26 -10.43 10.78
N ASP A 270 -18.41 -9.73 10.77
CA ASP A 270 -19.26 -9.74 9.59
C ASP A 270 -18.56 -9.09 8.40
N LEU A 271 -17.88 -7.98 8.64
CA LEU A 271 -17.17 -7.33 7.54
C LEU A 271 -16.10 -8.25 6.99
N LEU A 272 -15.34 -8.88 7.87
CA LEU A 272 -14.23 -9.71 7.43
C LEU A 272 -14.71 -10.98 6.74
N ARG A 273 -15.84 -11.56 7.18
CA ARG A 273 -16.37 -12.71 6.44
C ARG A 273 -16.78 -12.33 5.02
N ASN A 274 -17.20 -11.07 4.81
CA ASN A 274 -17.58 -10.59 3.49
C ASN A 274 -16.40 -10.13 2.64
N LEU A 275 -15.28 -9.74 3.26
CA LEU A 275 -14.07 -9.42 2.50
C LEU A 275 -13.23 -10.67 2.23
N LEU A 276 -13.08 -11.55 3.23
CA LEU A 276 -12.33 -12.79 3.09
C LEU A 276 -13.22 -13.91 2.61
N GLN A 277 -13.94 -13.56 1.55
CA GLN A 277 -14.91 -14.43 0.91
C GLN A 277 -14.24 -15.07 -0.31
N VAL A 278 -14.13 -16.40 -0.29
CA VAL A 278 -13.52 -17.11 -1.41
C VAL A 278 -14.36 -16.95 -2.68
N ASP A 279 -15.69 -16.92 -2.56
CA ASP A 279 -16.59 -16.86 -3.71
C ASP A 279 -16.61 -15.42 -4.25
N LEU A 280 -16.07 -15.22 -5.45
CA LEU A 280 -16.03 -13.88 -6.05
C LEU A 280 -17.41 -13.28 -6.26
N THR A 281 -18.44 -14.11 -6.43
CA THR A 281 -19.80 -13.58 -6.61
C THR A 281 -20.40 -13.10 -5.31
N LYS A 282 -19.68 -13.23 -4.21
CA LYS A 282 -20.18 -12.83 -2.93
C LYS A 282 -19.27 -11.85 -2.22
N ARG A 283 -18.10 -11.54 -2.76
CA ARG A 283 -17.12 -10.76 -2.00
C ARG A 283 -17.45 -9.28 -2.06
N PHE A 284 -17.48 -8.65 -0.89
CA PHE A 284 -17.68 -7.22 -0.83
C PHE A 284 -16.59 -6.51 -1.62
N GLY A 285 -17.00 -5.46 -2.31
CA GLY A 285 -16.18 -4.75 -3.25
C GLY A 285 -16.27 -5.31 -4.65
N ASN A 286 -16.92 -6.46 -4.84
CA ASN A 286 -17.04 -7.07 -6.16
C ASN A 286 -18.49 -7.30 -6.57
N LEU A 287 -19.44 -6.72 -5.87
CA LEU A 287 -20.85 -6.90 -6.15
C LEU A 287 -21.39 -5.69 -6.88
N LYS A 288 -22.69 -5.73 -7.18
CA LYS A 288 -23.30 -4.67 -7.98
C LYS A 288 -23.09 -3.29 -7.36
N ASN A 289 -23.15 -3.19 -6.01
CA ASN A 289 -22.98 -1.93 -5.31
C ASN A 289 -21.50 -1.56 -5.08
N GLY A 290 -20.56 -2.36 -5.57
CA GLY A 290 -19.16 -1.95 -5.55
C GLY A 290 -18.64 -1.61 -4.16
N VAL A 291 -17.90 -0.51 -4.09
N VAL A 291 -17.87 -0.54 -4.08
CA VAL A 291 -17.24 -0.12 -2.86
CA VAL A 291 -17.24 -0.20 -2.82
C VAL A 291 -18.26 0.28 -1.82
C VAL A 291 -18.27 0.26 -1.80
N ASN A 292 -19.49 0.59 -2.23
CA ASN A 292 -20.49 1.07 -1.29
C ASN A 292 -20.89 -0.01 -0.29
N ASP A 293 -20.78 -1.30 -0.66
CA ASP A 293 -21.07 -2.34 0.32
C ASP A 293 -20.10 -2.27 1.48
N ILE A 294 -18.85 -1.88 1.21
CA ILE A 294 -17.86 -1.74 2.27
C ILE A 294 -18.09 -0.46 3.06
N LYS A 295 -18.23 0.68 2.35
CA LYS A 295 -18.30 1.96 3.03
C LYS A 295 -19.55 2.10 3.86
N ASN A 296 -20.63 1.37 3.50
CA ASN A 296 -21.90 1.44 4.20
C ASN A 296 -22.06 0.32 5.23
N HIS A 297 -21.04 -0.52 5.41
CA HIS A 297 -21.11 -1.59 6.39
C HIS A 297 -21.17 -1.02 7.81
N LYS A 298 -21.88 -1.72 8.69
CA LYS A 298 -22.01 -1.27 10.09
C LYS A 298 -20.69 -0.97 10.78
N TRP A 299 -19.61 -1.72 10.46
CA TRP A 299 -18.34 -1.48 11.14
C TRP A 299 -17.79 -0.09 10.82
N PHE A 300 -18.21 0.50 9.69
CA PHE A 300 -17.79 1.84 9.30
C PHE A 300 -18.85 2.90 9.58
N ALA A 301 -19.87 2.58 10.38
CA ALA A 301 -20.97 3.53 10.57
C ALA A 301 -20.51 4.85 11.15
N THR A 302 -19.48 4.84 12.00
CA THR A 302 -18.94 6.06 12.60
C THR A 302 -17.93 6.79 11.72
N THR A 303 -17.61 6.26 10.54
CA THR A 303 -16.58 6.84 9.70
C THR A 303 -17.14 7.95 8.85
N ASP A 304 -16.55 9.14 8.99
CA ASP A 304 -16.91 10.30 8.17
C ASP A 304 -15.94 10.35 7.01
N TRP A 305 -16.35 9.78 5.88
CA TRP A 305 -15.43 9.55 4.76
C TRP A 305 -14.82 10.84 4.23
N ILE A 306 -15.63 11.91 4.12
CA ILE A 306 -15.09 13.18 3.64
C ILE A 306 -14.10 13.73 4.64
N ALA A 307 -14.41 13.64 5.94
CA ALA A 307 -13.48 14.18 6.93
C ALA A 307 -12.16 13.41 6.91
N ILE A 308 -12.19 12.10 6.68
CA ILE A 308 -10.94 11.34 6.52
C ILE A 308 -10.15 11.87 5.33
N TYR A 309 -10.80 11.95 4.17
CA TYR A 309 -10.17 12.48 2.96
C TYR A 309 -9.56 13.86 3.16
N GLN A 310 -10.28 14.77 3.84
CA GLN A 310 -9.83 16.11 4.14
C GLN A 310 -8.79 16.13 5.26
N ARG A 311 -8.52 14.97 5.87
CA ARG A 311 -7.51 14.85 6.92
C ARG A 311 -7.87 15.72 8.11
N LYS A 312 -9.17 15.80 8.40
CA LYS A 312 -9.68 16.60 9.49
C LYS A 312 -9.99 15.76 10.73
N VAL A 313 -9.80 14.46 10.66
CA VAL A 313 -10.02 13.59 11.80
C VAL A 313 -8.72 13.52 12.62
N GLU A 314 -8.85 13.61 13.95
CA GLU A 314 -7.67 13.47 14.81
C GLU A 314 -7.18 12.03 14.77
N ALA A 315 -5.90 11.84 14.48
CA ALA A 315 -5.39 10.48 14.36
C ALA A 315 -5.22 9.85 15.75
N PRO A 316 -5.27 8.52 15.82
CA PRO A 316 -5.09 7.85 17.11
C PRO A 316 -3.64 7.77 17.58
N PHE A 317 -2.68 7.95 16.69
CA PHE A 317 -1.26 7.84 17.03
C PHE A 317 -0.50 8.88 16.24
N ILE A 318 0.21 9.75 16.96
CA ILE A 318 1.02 10.80 16.37
C ILE A 318 2.48 10.44 16.63
N PRO A 319 3.26 10.15 15.60
CA PRO A 319 4.65 9.74 15.84
C PRO A 319 5.47 10.86 16.48
N LYS A 320 6.46 10.44 17.27
CA LYS A 320 7.43 11.35 17.83
C LYS A 320 8.41 11.76 16.75
N PHE A 321 8.64 13.07 16.61
CA PHE A 321 9.54 13.61 15.61
C PHE A 321 10.40 14.65 16.31
N LYS A 322 11.68 14.33 16.49
CA LYS A 322 12.61 15.20 17.16
C LYS A 322 13.25 16.22 16.22
N GLY A 323 12.73 16.37 15.01
CA GLY A 323 13.20 17.38 14.10
C GLY A 323 13.40 16.85 12.69
N PRO A 324 13.96 17.71 11.82
CA PRO A 324 14.17 17.28 10.44
C PRO A 324 15.24 16.20 10.34
N GLY A 325 14.99 15.22 9.49
CA GLY A 325 15.98 14.17 9.29
C GLY A 325 16.05 13.15 10.40
N ASP A 326 15.12 13.21 11.35
CA ASP A 326 15.09 12.25 12.46
C ASP A 326 14.59 10.91 11.95
N THR A 327 15.38 9.84 12.18
CA THR A 327 15.03 8.50 11.73
C THR A 327 14.71 7.55 12.89
N SER A 328 14.32 8.09 14.05
CA SER A 328 14.10 7.26 15.23
C SER A 328 12.95 6.28 15.06
N ASN A 329 12.11 6.45 14.05
CA ASN A 329 10.99 5.54 13.86
C ASN A 329 11.28 4.46 12.84
N PHE A 330 12.56 4.34 12.42
CA PHE A 330 12.97 3.35 11.44
C PHE A 330 14.03 2.42 12.01
N ASP A 331 14.02 1.19 11.49
CA ASP A 331 15.10 0.26 11.75
C ASP A 331 16.42 0.76 11.17
N ASP A 332 17.52 0.21 11.67
CA ASP A 332 18.83 0.49 11.12
C ASP A 332 19.16 -0.56 10.08
N TYR A 333 19.87 -0.16 9.03
CA TYR A 333 20.28 -1.05 7.96
C TYR A 333 21.75 -0.81 7.67
N GLU A 334 22.42 -1.83 7.14
CA GLU A 334 23.83 -1.67 6.79
C GLU A 334 23.98 -0.65 5.67
N GLU A 335 25.03 0.17 5.75
CA GLU A 335 25.26 1.24 4.81
C GLU A 335 26.33 0.82 3.80
N GLU A 336 25.95 0.78 2.52
CA GLU A 336 26.89 0.53 1.44
C GLU A 336 27.08 1.79 0.61
N GLU A 337 28.22 1.90 -0.06
CA GLU A 337 28.49 3.04 -0.92
C GLU A 337 27.54 3.03 -2.12
N ILE A 338 27.35 4.21 -2.70
CA ILE A 338 26.56 4.37 -3.92
C ILE A 338 27.57 4.68 -5.02
N ARG A 339 27.91 3.66 -5.81
CA ARG A 339 28.93 3.79 -6.84
C ARG A 339 28.26 4.05 -8.19
N VAL A 340 28.79 5.03 -8.91
CA VAL A 340 28.32 5.35 -10.26
C VAL A 340 29.42 5.01 -11.26
N ILE A 342 31.69 4.46 -14.63
CA ILE A 342 32.14 5.38 -15.67
C ILE A 342 31.44 5.07 -16.99
N ASN A 343 30.87 3.87 -17.09
CA ASN A 343 30.23 3.39 -18.31
C ASN A 343 28.74 3.22 -18.09
N GLU A 344 27.93 3.69 -19.05
CA GLU A 344 26.48 3.58 -18.96
C GLU A 344 26.06 2.12 -19.03
N LYS A 345 25.14 1.76 -18.16
CA LYS A 345 24.63 0.39 -18.08
C LYS A 345 23.17 0.38 -18.51
N CYS A 346 22.80 -0.58 -19.37
CA CYS A 346 21.39 -0.87 -19.66
C CYS A 346 20.63 0.36 -20.15
N GLY A 347 21.32 1.21 -20.90
CA GLY A 347 20.70 2.45 -21.37
C GLY A 347 19.39 2.24 -22.10
N LYS A 348 19.41 1.37 -23.12
CA LYS A 348 18.22 1.21 -23.95
C LYS A 348 17.05 0.66 -23.15
N GLU A 349 17.32 -0.22 -22.19
CA GLU A 349 16.26 -0.84 -21.40
C GLU A 349 15.49 0.21 -20.61
N PHE A 350 16.15 1.30 -20.22
CA PHE A 350 15.56 2.26 -19.29
C PHE A 350 15.36 3.65 -19.92
N THR A 351 15.26 3.71 -21.25
CA THR A 351 15.02 4.98 -21.94
C THR A 351 13.84 5.76 -21.37
N GLU A 352 12.75 5.06 -21.04
CA GLU A 352 11.53 5.74 -20.63
C GLU A 352 11.60 6.31 -19.22
N PHE A 353 12.60 5.93 -18.41
CA PHE A 353 12.64 6.36 -17.03
C PHE A 353 13.00 7.83 -16.95
N THR B 1 -2.14 -21.24 21.79
CA THR B 1 -3.07 -20.22 21.28
C THR B 1 -2.67 -19.83 19.86
N THR B 2 -3.57 -19.15 19.15
CA THR B 2 -3.22 -18.72 17.80
C THR B 2 -2.01 -17.78 17.81
N TYR B 3 -1.99 -16.82 18.73
CA TYR B 3 -0.84 -15.91 18.82
C TYR B 3 0.46 -16.68 19.06
N ALA B 4 0.46 -17.66 19.96
CA ALA B 4 1.67 -18.45 20.18
C ALA B 4 2.10 -19.17 18.91
N ASP B 5 1.15 -19.73 18.16
CA ASP B 5 1.46 -20.34 16.88
C ASP B 5 2.07 -19.33 15.92
N PHE B 6 1.57 -18.09 15.92
CA PHE B 6 2.15 -17.06 15.06
C PHE B 6 3.62 -16.82 15.40
N ILE B 7 3.92 -16.67 16.69
N ILE B 7 3.93 -16.70 16.68
CA ILE B 7 5.32 -16.48 17.09
CA ILE B 7 5.33 -16.48 17.06
C ILE B 7 6.16 -17.65 16.59
C ILE B 7 6.19 -17.65 16.62
N ALA B 8 5.66 -18.86 16.77
CA ALA B 8 6.41 -20.07 16.42
C ALA B 8 6.58 -20.25 14.92
N SER B 9 5.77 -19.57 14.11
CA SER B 9 5.80 -19.75 12.67
C SER B 9 7.04 -19.17 12.03
N GLY B 10 7.70 -18.24 12.71
CA GLY B 10 8.84 -17.55 12.15
C GLY B 10 8.49 -16.50 11.11
N ARG B 11 7.22 -16.16 10.96
CA ARG B 11 6.82 -15.20 9.96
C ARG B 11 6.27 -13.94 10.62
N THR B 12 6.96 -13.50 11.68
CA THR B 12 6.60 -12.29 12.43
C THR B 12 7.40 -11.06 12.00
N SER B 13 8.46 -11.24 11.19
CA SER B 13 9.26 -10.14 10.69
C SER B 13 8.71 -9.62 9.36
N ARG B 14 9.44 -8.69 8.76
CA ARG B 14 8.94 -8.12 7.51
C ARG B 14 8.90 -9.23 6.46
N ARG B 15 7.82 -9.25 5.69
CA ARG B 15 7.55 -10.29 4.71
C ARG B 15 7.84 -9.78 3.31
N ASP B 16 8.65 -10.52 2.57
CA ASP B 16 8.95 -10.20 1.17
C ASP B 16 7.81 -10.63 0.26
N ALA B 17 7.65 -9.89 -0.83
CA ALA B 17 6.82 -10.37 -1.92
C ALA B 17 7.46 -11.61 -2.54
N ILE B 18 6.63 -12.39 -3.24
CA ILE B 18 7.09 -13.61 -3.89
C ILE B 18 7.77 -13.27 -5.22
#